data_4PAH
#
_entry.id   4PAH
#
_cell.length_a   66.780
_cell.length_b   108.730
_cell.length_c   125.460
_cell.angle_alpha   90.00
_cell.angle_beta   90.00
_cell.angle_gamma   90.00
#
_symmetry.space_group_name_H-M   'C 2 2 21'
#
loop_
_entity.id
_entity.type
_entity.pdbx_description
1 polymer 'PHENYLALANINE HYDROXYLASE'
2 non-polymer 'FE (III) ION'
3 non-polymer L-NOREPINEPHRINE
4 water water
#
_entity_poly.entity_id   1
_entity_poly.type   'polypeptide(L)'
_entity_poly.pdbx_seq_one_letter_code
;TVPWFPRTIQELDRFANQILSYGAELDADHPGFKDPVYRARRKQFADIAYNYRHGQPIPRVEYMEEEKKTWGTVFKTLKS
LYKTHACYEYNHIFPLLEKYCGFHEDNIPQLEDVSQFLQTCTGFRLRPVAGLLSSRDFLGGLAFRVFHCTQYIRHGSKPM
YTPEPDICHELLGHVPLFSDRSFAQFSQEIGLASLGAPDEYIEKLATIYWFTVEFGLCKQGDSIKAYGAGLLSSFGELQY
CLSEKPKLLPLELEKTAIQNYTVTEFQPLYYVAESFNDAKEKVRNFAATIPRPFSVRYDPYTQRIEVL
;
_entity_poly.pdbx_strand_id   A
#
loop_
_chem_comp.id
_chem_comp.type
_chem_comp.name
_chem_comp.formula
FE non-polymer 'FE (III) ION' 'Fe 3'
LNR non-polymer L-NOREPINEPHRINE 'C8 H11 N O3'
#
# COMPACT_ATOMS: atom_id res chain seq x y z
N THR A 1 -28.64 6.24 1.40
CA THR A 1 -28.76 4.91 2.10
C THR A 1 -27.43 4.15 2.07
N VAL A 2 -27.10 3.43 3.15
CA VAL A 2 -25.84 2.67 3.28
C VAL A 2 -25.17 2.41 1.94
N PRO A 3 -23.97 2.96 1.78
CA PRO A 3 -23.36 2.70 0.48
C PRO A 3 -23.05 1.21 0.22
N TRP A 4 -23.07 0.80 -1.02
CA TRP A 4 -22.81 -0.60 -1.37
C TRP A 4 -21.40 -0.99 -0.98
N PHE A 5 -21.20 -2.24 -0.54
CA PHE A 5 -19.84 -2.73 -0.27
C PHE A 5 -19.81 -4.20 -0.65
N PRO A 6 -18.66 -4.71 -1.07
CA PRO A 6 -18.58 -6.11 -1.45
C PRO A 6 -18.76 -7.03 -0.28
N ARG A 7 -19.49 -8.15 -0.48
CA ARG A 7 -19.68 -9.13 0.60
C ARG A 7 -18.92 -10.44 0.39
N THR A 8 -18.36 -10.65 -0.81
CA THR A 8 -17.54 -11.86 -1.07
C THR A 8 -16.29 -11.29 -1.73
N ILE A 9 -15.21 -12.07 -1.65
CA ILE A 9 -13.96 -11.63 -2.19
C ILE A 9 -14.07 -11.48 -3.71
N GLN A 10 -14.96 -12.25 -4.35
CA GLN A 10 -15.06 -12.10 -5.82
C GLN A 10 -15.70 -10.79 -6.24
N GLU A 11 -16.53 -10.22 -5.35
CA GLU A 11 -17.20 -8.96 -5.72
C GLU A 11 -16.21 -7.81 -5.87
N LEU A 12 -14.95 -7.98 -5.42
CA LEU A 12 -13.97 -6.87 -5.66
C LEU A 12 -13.79 -6.63 -7.17
N ASP A 13 -14.17 -7.62 -7.98
CA ASP A 13 -14.04 -7.43 -9.43
C ASP A 13 -14.87 -6.25 -9.87
N ARG A 14 -15.89 -5.91 -9.11
CA ARG A 14 -16.70 -4.78 -9.53
C ARG A 14 -15.97 -3.43 -9.56
N PHE A 15 -14.84 -3.30 -8.85
CA PHE A 15 -14.03 -2.06 -8.80
C PHE A 15 -13.41 -1.56 -10.12
N ALA A 16 -13.05 -2.49 -11.02
CA ALA A 16 -12.42 -2.07 -12.26
C ALA A 16 -13.21 -1.05 -13.07
N ASN A 17 -14.53 -1.04 -12.89
CA ASN A 17 -15.38 -0.12 -13.66
C ASN A 17 -15.70 1.09 -12.79
N GLN A 18 -14.76 1.40 -11.90
CA GLN A 18 -14.94 2.47 -10.96
C GLN A 18 -13.68 3.26 -10.64
N ILE A 19 -12.67 3.16 -11.51
CA ILE A 19 -11.44 3.89 -11.33
C ILE A 19 -11.43 5.25 -12.10
N LEU A 20 -10.49 6.11 -11.74
CA LEU A 20 -10.32 7.36 -12.42
C LEU A 20 -9.72 7.00 -13.83
N SER A 21 -10.44 7.31 -14.92
CA SER A 21 -10.01 6.97 -16.29
C SER A 21 -8.89 7.79 -16.86
N TYR A 22 -8.71 8.99 -16.35
CA TYR A 22 -7.66 9.87 -16.87
C TYR A 22 -6.54 10.00 -15.84
N GLY A 23 -5.59 9.08 -16.03
CA GLY A 23 -4.41 8.93 -15.20
C GLY A 23 -3.36 10.02 -15.16
N ALA A 24 -2.53 9.93 -14.12
CA ALA A 24 -1.45 10.86 -13.84
C ALA A 24 -0.47 10.94 -14.99
N GLU A 25 -0.33 9.85 -15.74
CA GLU A 25 0.64 9.84 -16.85
C GLU A 25 0.15 10.77 -17.96
N LEU A 26 -1.10 11.21 -17.86
CA LEU A 26 -1.61 12.15 -18.85
C LEU A 26 -1.33 13.62 -18.47
N ASP A 27 -0.82 13.90 -17.27
CA ASP A 27 -0.58 15.30 -16.89
C ASP A 27 0.73 15.84 -17.46
N ALA A 28 0.75 17.09 -17.97
CA ALA A 28 1.96 17.66 -18.62
C ALA A 28 3.15 17.68 -17.70
N ASP A 29 2.83 17.63 -16.44
CA ASP A 29 3.76 17.59 -15.34
C ASP A 29 4.46 16.20 -15.10
N HIS A 30 3.90 15.15 -15.68
CA HIS A 30 4.45 13.81 -15.46
C HIS A 30 5.81 13.61 -16.12
N PRO A 31 6.76 12.98 -15.42
CA PRO A 31 8.06 12.75 -16.02
C PRO A 31 7.94 12.03 -17.36
N GLY A 32 6.89 11.21 -17.57
CA GLY A 32 6.79 10.48 -18.82
C GLY A 32 5.83 11.03 -19.87
N PHE A 33 5.35 12.24 -19.61
CA PHE A 33 4.35 12.83 -20.45
C PHE A 33 4.66 12.95 -21.96
N LYS A 34 5.87 13.40 -22.30
CA LYS A 34 6.22 13.57 -23.74
C LYS A 34 6.70 12.31 -24.42
N ASP A 35 6.66 11.20 -23.69
CA ASP A 35 7.18 9.92 -24.16
C ASP A 35 6.05 8.96 -24.59
N PRO A 36 5.76 8.86 -25.91
CA PRO A 36 4.66 7.99 -26.37
C PRO A 36 4.81 6.49 -26.12
N VAL A 37 6.05 6.02 -26.04
CA VAL A 37 6.34 4.64 -25.74
C VAL A 37 5.90 4.41 -24.28
N TYR A 38 6.31 5.31 -23.39
CA TYR A 38 5.91 5.15 -21.97
C TYR A 38 4.40 5.14 -21.87
N ARG A 39 3.77 6.09 -22.56
CA ARG A 39 2.33 6.21 -22.58
C ARG A 39 1.68 4.89 -23.03
N ALA A 40 2.21 4.27 -24.10
CA ALA A 40 1.64 3.02 -24.57
C ALA A 40 1.88 1.87 -23.59
N ARG A 41 3.04 1.88 -22.93
CA ARG A 41 3.38 0.87 -21.96
C ARG A 41 2.39 0.99 -20.74
N ARG A 42 2.08 2.21 -20.36
CA ARG A 42 1.12 2.35 -19.25
C ARG A 42 -0.24 1.81 -19.64
N LYS A 43 -0.66 2.01 -20.89
CA LYS A 43 -1.99 1.52 -21.37
C LYS A 43 -1.97 0.03 -21.34
N GLN A 44 -0.83 -0.53 -21.69
CA GLN A 44 -0.69 -1.98 -21.69
C GLN A 44 -0.89 -2.57 -20.28
N PHE A 45 -0.26 -1.99 -19.26
CA PHE A 45 -0.51 -2.48 -17.93
C PHE A 45 -1.94 -2.19 -17.49
N ALA A 46 -2.49 -1.03 -17.87
CA ALA A 46 -3.87 -0.74 -17.49
C ALA A 46 -4.82 -1.80 -18.07
N ASP A 47 -4.57 -2.29 -19.30
CA ASP A 47 -5.44 -3.32 -19.87
C ASP A 47 -5.31 -4.62 -19.12
N ILE A 48 -4.11 -4.95 -18.67
CA ILE A 48 -3.97 -6.19 -17.92
C ILE A 48 -4.80 -6.12 -16.63
N ALA A 49 -4.76 -4.97 -15.96
CA ALA A 49 -5.51 -4.85 -14.71
C ALA A 49 -7.01 -4.83 -14.99
N TYR A 50 -7.41 -4.13 -16.05
CA TYR A 50 -8.82 -4.03 -16.38
C TYR A 50 -9.48 -5.39 -16.59
N ASN A 51 -8.73 -6.30 -17.23
CA ASN A 51 -9.23 -7.63 -17.55
C ASN A 51 -9.06 -8.69 -16.53
N TYR A 52 -8.35 -8.37 -15.45
CA TYR A 52 -8.06 -9.34 -14.41
C TYR A 52 -9.33 -9.66 -13.63
N ARG A 53 -9.44 -10.90 -13.19
CA ARG A 53 -10.60 -11.33 -12.41
C ARG A 53 -10.09 -12.14 -11.26
N HIS A 54 -10.75 -12.00 -10.12
CA HIS A 54 -10.35 -12.68 -8.91
C HIS A 54 -10.17 -14.16 -9.16
N GLY A 55 -9.12 -14.74 -8.58
CA GLY A 55 -8.92 -16.16 -8.83
C GLY A 55 -7.96 -16.49 -9.98
N GLN A 56 -7.76 -15.57 -10.92
CA GLN A 56 -6.82 -15.85 -12.02
C GLN A 56 -5.35 -15.62 -11.61
N PRO A 57 -4.39 -16.32 -12.24
CA PRO A 57 -3.00 -16.03 -11.86
C PRO A 57 -2.76 -14.58 -12.40
N ILE A 58 -1.90 -13.78 -11.79
CA ILE A 58 -1.72 -12.42 -12.37
C ILE A 58 -0.79 -12.59 -13.53
N PRO A 59 -1.10 -12.02 -14.70
CA PRO A 59 -0.26 -12.13 -15.90
C PRO A 59 1.20 -11.73 -15.68
N ARG A 60 2.16 -12.51 -16.19
CA ARG A 60 3.57 -12.16 -16.06
C ARG A 60 3.91 -11.23 -17.19
N VAL A 61 4.84 -10.32 -16.97
CA VAL A 61 5.17 -9.35 -18.00
C VAL A 61 6.67 -9.33 -18.19
N GLU A 62 7.09 -9.22 -19.43
CA GLU A 62 8.52 -9.16 -19.66
C GLU A 62 8.88 -7.67 -19.62
N TYR A 63 9.63 -7.24 -18.62
CA TYR A 63 10.02 -5.82 -18.49
C TYR A 63 11.18 -5.55 -19.45
N MET A 64 11.21 -4.35 -19.99
CA MET A 64 12.26 -3.95 -20.91
C MET A 64 13.54 -3.64 -20.17
N GLU A 65 14.66 -3.63 -20.89
CA GLU A 65 15.98 -3.36 -20.23
C GLU A 65 15.95 -1.99 -19.56
N GLU A 66 15.34 -0.99 -20.18
CA GLU A 66 15.29 0.33 -19.59
C GLU A 66 14.53 0.31 -18.26
N GLU A 67 13.47 -0.51 -18.19
CA GLU A 67 12.68 -0.60 -16.96
C GLU A 67 13.44 -1.32 -15.88
N LYS A 68 14.18 -2.39 -16.24
CA LYS A 68 14.97 -3.12 -15.21
C LYS A 68 16.06 -2.22 -14.68
N LYS A 69 16.58 -1.36 -15.55
CA LYS A 69 17.60 -0.42 -15.10
C LYS A 69 17.04 0.54 -14.01
N THR A 70 15.86 1.08 -14.24
CA THR A 70 15.21 2.01 -13.26
C THR A 70 15.03 1.27 -11.97
N TRP A 71 14.47 0.06 -12.00
CA TRP A 71 14.35 -0.76 -10.80
C TRP A 71 15.67 -0.98 -10.05
N GLY A 72 16.71 -1.34 -10.79
CA GLY A 72 18.01 -1.60 -10.17
C GLY A 72 18.55 -0.39 -9.42
N THR A 73 18.39 0.78 -10.06
CA THR A 73 18.82 2.02 -9.44
C THR A 73 18.10 2.28 -8.11
N VAL A 74 16.78 2.20 -8.10
CA VAL A 74 15.98 2.40 -6.89
C VAL A 74 16.34 1.38 -5.79
N PHE A 75 16.41 0.12 -6.19
CA PHE A 75 16.67 -0.97 -5.26
C PHE A 75 18.03 -0.78 -4.56
N LYS A 76 19.04 -0.53 -5.38
CA LYS A 76 20.39 -0.40 -4.80
C LYS A 76 20.54 0.80 -3.91
N THR A 77 19.93 1.91 -4.28
CA THR A 77 20.11 3.10 -3.47
C THR A 77 19.32 2.96 -2.16
N LEU A 78 18.08 2.44 -2.20
CA LEU A 78 17.33 2.33 -0.95
C LEU A 78 17.80 1.23 0.01
N LYS A 79 18.31 0.15 -0.56
CA LYS A 79 18.66 -1.02 0.26
C LYS A 79 19.67 -0.71 1.35
N SER A 80 20.57 0.24 1.07
CA SER A 80 21.60 0.64 2.04
C SER A 80 21.00 1.19 3.32
N LEU A 81 19.76 1.67 3.27
CA LEU A 81 19.16 2.25 4.47
C LEU A 81 18.38 1.33 5.41
N TYR A 82 17.84 0.25 4.88
CA TYR A 82 16.91 -0.57 5.69
C TYR A 82 17.42 -1.12 7.03
N LYS A 83 18.64 -1.64 7.05
CA LYS A 83 19.21 -2.19 8.26
C LYS A 83 19.20 -1.18 9.39
N THR A 84 19.45 0.09 9.12
CA THR A 84 19.42 1.08 10.21
C THR A 84 18.12 1.88 10.36
N HIS A 85 17.31 1.97 9.32
CA HIS A 85 16.12 2.82 9.40
C HIS A 85 14.77 2.12 9.44
N ALA A 86 14.74 0.85 9.02
CA ALA A 86 13.43 0.15 8.95
C ALA A 86 13.05 -0.60 10.21
N CYS A 87 11.78 -0.69 10.52
CA CYS A 87 11.35 -1.46 11.70
C CYS A 87 11.76 -2.94 11.52
N TYR A 88 11.92 -3.59 12.67
CA TYR A 88 12.31 -5.00 12.75
C TYR A 88 11.52 -5.92 11.79
N GLU A 89 10.19 -5.75 11.71
CA GLU A 89 9.38 -6.65 10.85
C GLU A 89 9.85 -6.62 9.39
N TYR A 90 10.27 -5.44 8.93
CA TYR A 90 10.75 -5.28 7.55
C TYR A 90 12.04 -6.07 7.33
N ASN A 91 13.03 -5.84 8.21
CA ASN A 91 14.33 -6.51 8.05
C ASN A 91 14.25 -8.07 8.26
N HIS A 92 13.28 -8.48 9.05
CA HIS A 92 13.09 -9.91 9.32
C HIS A 92 12.66 -10.63 8.03
N ILE A 93 11.76 -10.01 7.27
CA ILE A 93 11.31 -10.70 6.07
C ILE A 93 12.16 -10.42 4.82
N PHE A 94 12.82 -9.27 4.75
CA PHE A 94 13.52 -8.91 3.48
C PHE A 94 14.41 -10.02 2.86
N PRO A 95 15.25 -10.71 3.68
CA PRO A 95 16.13 -11.79 3.18
C PRO A 95 15.31 -12.90 2.50
N LEU A 96 14.15 -13.21 3.05
CA LEU A 96 13.29 -14.22 2.45
C LEU A 96 12.72 -13.75 1.09
N LEU A 97 12.42 -12.46 0.99
CA LEU A 97 11.98 -11.92 -0.32
C LEU A 97 13.14 -12.03 -1.37
N GLU A 98 14.36 -11.69 -0.96
CA GLU A 98 15.53 -11.86 -1.83
C GLU A 98 15.67 -13.32 -2.28
N LYS A 99 15.52 -14.28 -1.36
CA LYS A 99 15.68 -15.69 -1.73
C LYS A 99 14.52 -16.34 -2.49
N TYR A 100 13.27 -16.10 -2.08
CA TYR A 100 12.18 -16.75 -2.80
C TYR A 100 11.40 -15.92 -3.77
N CYS A 101 11.55 -14.60 -3.74
CA CYS A 101 10.79 -13.79 -4.69
C CYS A 101 11.63 -13.08 -5.73
N GLY A 102 12.93 -13.32 -5.71
CA GLY A 102 13.79 -12.68 -6.69
C GLY A 102 13.99 -11.20 -6.48
N PHE A 103 13.93 -10.71 -5.24
CA PHE A 103 14.16 -9.29 -5.00
C PHE A 103 15.69 -9.09 -5.18
N HIS A 104 16.08 -8.57 -6.31
CA HIS A 104 17.50 -8.37 -6.61
C HIS A 104 17.53 -7.27 -7.61
N GLU A 105 18.67 -6.59 -7.71
CA GLU A 105 18.82 -5.41 -8.56
C GLU A 105 18.65 -5.74 -10.02
N ASP A 106 18.88 -6.99 -10.43
CA ASP A 106 18.80 -7.17 -11.87
C ASP A 106 17.50 -7.70 -12.36
N ASN A 107 16.51 -7.83 -11.50
CA ASN A 107 15.28 -8.46 -11.91
C ASN A 107 14.07 -7.83 -11.23
N ILE A 108 13.00 -7.50 -11.97
CA ILE A 108 11.78 -6.98 -11.30
C ILE A 108 10.93 -8.22 -10.99
N PRO A 109 10.59 -8.44 -9.72
CA PRO A 109 9.77 -9.59 -9.30
C PRO A 109 8.41 -9.53 -10.00
N GLN A 110 7.83 -10.68 -10.30
CA GLN A 110 6.51 -10.75 -10.95
C GLN A 110 5.44 -10.77 -9.82
N LEU A 111 4.33 -10.04 -9.99
CA LEU A 111 3.35 -9.96 -8.91
C LEU A 111 2.78 -11.32 -8.51
N GLU A 112 2.58 -12.23 -9.46
CA GLU A 112 2.06 -13.57 -9.10
C GLU A 112 2.92 -14.26 -8.04
N ASP A 113 4.24 -14.22 -8.25
CA ASP A 113 5.14 -14.86 -7.30
C ASP A 113 5.06 -14.17 -5.94
N VAL A 114 4.97 -12.86 -5.96
CA VAL A 114 4.96 -12.14 -4.66
C VAL A 114 3.63 -12.44 -3.98
N SER A 115 2.56 -12.44 -4.78
CA SER A 115 1.23 -12.69 -4.18
C SER A 115 1.21 -14.11 -3.57
N GLN A 116 1.77 -15.11 -4.30
CA GLN A 116 1.78 -16.49 -3.67
C GLN A 116 2.58 -16.48 -2.36
N PHE A 117 3.72 -15.79 -2.36
CA PHE A 117 4.52 -15.69 -1.11
C PHE A 117 3.68 -15.05 0.00
N LEU A 118 3.00 -13.92 -0.29
CA LEU A 118 2.19 -13.30 0.75
C LEU A 118 1.09 -14.22 1.28
N GLN A 119 0.48 -14.95 0.35
CA GLN A 119 -0.58 -15.87 0.75
C GLN A 119 -0.07 -16.88 1.78
N THR A 120 1.16 -17.38 1.61
CA THR A 120 1.72 -18.35 2.56
C THR A 120 2.04 -17.72 3.86
N CYS A 121 2.33 -16.41 3.87
CA CYS A 121 2.64 -15.79 5.15
C CYS A 121 1.48 -15.36 5.97
N THR A 122 0.56 -14.61 5.35
CA THR A 122 -0.55 -14.08 6.14
C THR A 122 -1.87 -14.21 5.37
N GLY A 123 -1.86 -14.89 4.22
CA GLY A 123 -3.09 -14.94 3.45
C GLY A 123 -3.41 -13.66 2.67
N PHE A 124 -2.50 -12.67 2.65
CA PHE A 124 -2.78 -11.45 1.83
C PHE A 124 -2.53 -11.81 0.39
N ARG A 125 -3.23 -11.15 -0.52
CA ARG A 125 -2.95 -11.47 -1.89
C ARG A 125 -2.94 -10.13 -2.64
N LEU A 126 -2.38 -10.10 -3.84
CA LEU A 126 -2.34 -8.84 -4.56
C LEU A 126 -3.27 -8.93 -5.77
N ARG A 127 -3.73 -7.78 -6.27
CA ARG A 127 -4.42 -7.78 -7.55
C ARG A 127 -3.93 -6.53 -8.23
N PRO A 128 -3.68 -6.60 -9.55
CA PRO A 128 -3.17 -5.47 -10.32
C PRO A 128 -4.20 -4.40 -10.42
N VAL A 129 -3.78 -3.16 -10.37
CA VAL A 129 -4.81 -2.11 -10.42
C VAL A 129 -4.42 -1.14 -11.47
N ALA A 130 -5.44 -0.83 -12.27
CA ALA A 130 -5.31 0.05 -13.39
C ALA A 130 -4.85 1.45 -12.94
N GLY A 131 -5.81 2.24 -12.47
CA GLY A 131 -5.47 3.57 -12.05
C GLY A 131 -5.77 3.86 -10.59
N LEU A 132 -6.43 4.98 -10.37
CA LEU A 132 -6.68 5.39 -8.99
C LEU A 132 -8.01 4.91 -8.54
N LEU A 133 -8.07 4.09 -7.48
CA LEU A 133 -9.40 3.66 -6.97
C LEU A 133 -9.87 4.69 -6.01
N SER A 134 -11.18 4.77 -5.75
CA SER A 134 -11.64 5.68 -4.68
C SER A 134 -11.09 5.16 -3.32
N SER A 135 -11.06 6.00 -2.28
CA SER A 135 -10.56 5.52 -0.98
C SER A 135 -11.49 4.43 -0.51
N ARG A 136 -12.77 4.59 -0.78
CA ARG A 136 -13.71 3.53 -0.33
C ARG A 136 -13.38 2.13 -0.86
N ASP A 137 -13.12 2.03 -2.15
CA ASP A 137 -12.84 0.74 -2.79
C ASP A 137 -11.46 0.23 -2.39
N PHE A 138 -10.48 1.12 -2.41
CA PHE A 138 -9.18 0.71 -2.01
C PHE A 138 -9.14 0.14 -0.57
N LEU A 139 -9.73 0.88 0.38
CA LEU A 139 -9.75 0.43 1.81
C LEU A 139 -10.60 -0.82 1.91
N GLY A 140 -11.72 -0.87 1.18
CA GLY A 140 -12.59 -2.06 1.23
C GLY A 140 -11.83 -3.37 0.86
N GLY A 141 -10.92 -3.34 -0.12
CA GLY A 141 -10.17 -4.55 -0.45
C GLY A 141 -9.40 -5.12 0.75
N LEU A 142 -8.90 -4.22 1.59
CA LEU A 142 -8.12 -4.66 2.76
C LEU A 142 -8.93 -5.58 3.70
N ALA A 143 -10.25 -5.39 3.76
CA ALA A 143 -11.09 -6.22 4.63
C ALA A 143 -10.97 -7.70 4.26
N PHE A 144 -10.63 -7.98 3.02
CA PHE A 144 -10.48 -9.34 2.51
C PHE A 144 -9.01 -9.74 2.41
N ARG A 145 -8.14 -8.95 3.04
CA ARG A 145 -6.69 -9.12 2.89
C ARG A 145 -6.26 -9.11 1.40
N VAL A 146 -6.82 -8.17 0.65
CA VAL A 146 -6.45 -8.03 -0.75
C VAL A 146 -5.82 -6.59 -0.90
N PHE A 147 -4.59 -6.56 -1.44
CA PHE A 147 -3.94 -5.26 -1.68
C PHE A 147 -3.93 -4.95 -3.18
N HIS A 148 -4.58 -3.86 -3.63
CA HIS A 148 -4.58 -3.50 -5.06
C HIS A 148 -3.21 -2.85 -5.28
N CYS A 149 -2.47 -3.40 -6.24
CA CYS A 149 -1.03 -3.13 -6.44
C CYS A 149 -0.75 -2.71 -7.85
N THR A 150 0.08 -1.67 -8.06
CA THR A 150 0.37 -1.25 -9.44
C THR A 150 1.47 -2.18 -10.00
N GLN A 151 1.48 -2.36 -11.32
CA GLN A 151 2.45 -3.28 -11.91
C GLN A 151 3.42 -2.54 -12.83
N TYR A 152 3.11 -1.29 -13.18
CA TYR A 152 3.97 -0.49 -14.06
C TYR A 152 5.09 0.18 -13.24
N ILE A 153 6.11 0.71 -13.93
CA ILE A 153 7.23 1.34 -13.27
C ILE A 153 7.26 2.81 -13.63
N ARG A 154 7.83 3.63 -12.76
CA ARG A 154 7.97 5.07 -12.98
C ARG A 154 8.86 5.24 -14.24
N HIS A 155 8.84 6.43 -14.83
CA HIS A 155 9.60 6.78 -16.03
C HIS A 155 11.10 6.82 -15.71
N GLY A 156 11.91 6.28 -16.63
CA GLY A 156 13.32 6.19 -16.40
C GLY A 156 14.13 7.45 -16.33
N SER A 157 13.52 8.60 -16.65
CA SER A 157 14.30 9.83 -16.60
C SER A 157 14.52 10.31 -15.21
N LYS A 158 13.70 9.90 -14.24
CA LYS A 158 13.89 10.35 -12.86
C LYS A 158 13.67 9.16 -11.95
N PRO A 159 14.65 8.26 -11.90
CA PRO A 159 14.53 7.06 -11.08
C PRO A 159 14.22 7.22 -9.61
N MET A 160 14.59 8.38 -9.01
CA MET A 160 14.38 8.54 -7.58
C MET A 160 13.12 9.31 -7.26
N TYR A 161 12.28 9.52 -8.27
CA TYR A 161 11.06 10.29 -8.09
C TYR A 161 9.85 9.67 -8.78
N THR A 162 8.73 9.64 -8.06
CA THR A 162 7.50 9.21 -8.70
C THR A 162 6.37 10.00 -8.05
N PRO A 163 5.45 10.57 -8.87
CA PRO A 163 4.33 11.36 -8.31
C PRO A 163 3.14 10.44 -8.03
N GLU A 164 3.36 9.13 -8.03
CA GLU A 164 2.24 8.22 -7.89
C GLU A 164 2.84 6.92 -7.47
N PRO A 165 2.01 6.00 -7.00
CA PRO A 165 2.62 4.73 -6.64
C PRO A 165 3.09 4.05 -7.97
N ASP A 166 4.12 3.21 -7.88
CA ASP A 166 4.53 2.42 -9.04
C ASP A 166 5.03 1.11 -8.41
N ILE A 167 5.53 0.21 -9.22
CA ILE A 167 5.90 -1.06 -8.66
C ILE A 167 7.05 -1.01 -7.65
N CYS A 168 7.96 -0.03 -7.77
CA CYS A 168 9.07 0.06 -6.80
C CYS A 168 8.48 0.36 -5.41
N HIS A 169 7.55 1.28 -5.36
CA HIS A 169 6.92 1.63 -4.08
C HIS A 169 6.12 0.43 -3.51
N GLU A 170 5.39 -0.30 -4.36
CA GLU A 170 4.62 -1.46 -3.82
C GLU A 170 5.51 -2.51 -3.27
N LEU A 171 6.52 -2.93 -4.04
CA LEU A 171 7.37 -4.05 -3.59
C LEU A 171 8.36 -3.68 -2.48
N LEU A 172 8.99 -2.51 -2.55
CA LEU A 172 9.95 -2.20 -1.48
C LEU A 172 9.26 -1.52 -0.33
N GLY A 173 8.10 -0.91 -0.58
CA GLY A 173 7.44 -0.20 0.51
C GLY A 173 6.36 -0.99 1.25
N HIS A 174 5.41 -1.53 0.50
CA HIS A 174 4.28 -2.22 1.12
C HIS A 174 4.45 -3.73 1.39
N VAL A 175 4.90 -4.44 0.36
CA VAL A 175 4.96 -5.88 0.50
C VAL A 175 5.60 -6.47 1.71
N PRO A 176 6.75 -5.93 2.15
CA PRO A 176 7.35 -6.56 3.33
C PRO A 176 6.49 -6.51 4.60
N LEU A 177 5.75 -5.42 4.80
CA LEU A 177 4.96 -5.34 6.02
C LEU A 177 3.72 -6.30 5.91
N PHE A 178 3.17 -6.49 4.70
CA PHE A 178 2.02 -7.43 4.59
C PHE A 178 2.37 -8.89 4.90
N SER A 179 3.66 -9.19 5.04
CA SER A 179 4.14 -10.54 5.38
C SER A 179 4.11 -10.74 6.84
N ASP A 180 3.89 -9.68 7.57
CA ASP A 180 3.85 -9.82 9.04
C ASP A 180 2.43 -10.03 9.52
N ARG A 181 2.20 -11.03 10.39
CA ARG A 181 0.86 -11.29 10.84
C ARG A 181 0.17 -10.18 11.60
N SER A 182 0.88 -9.53 12.52
CA SER A 182 0.17 -8.44 13.21
C SER A 182 -0.14 -7.24 12.31
N PHE A 183 0.79 -6.87 11.42
CA PHE A 183 0.53 -5.77 10.49
C PHE A 183 -0.68 -6.17 9.57
N ALA A 184 -0.69 -7.43 9.16
CA ALA A 184 -1.81 -7.87 8.31
C ALA A 184 -3.14 -7.72 9.02
N GLN A 185 -3.19 -8.11 10.29
CA GLN A 185 -4.45 -7.96 11.07
C GLN A 185 -4.79 -6.49 11.23
N PHE A 186 -3.77 -5.69 11.54
CA PHE A 186 -4.01 -4.26 11.66
C PHE A 186 -4.56 -3.65 10.34
N SER A 187 -3.93 -3.93 9.18
CA SER A 187 -4.41 -3.34 7.91
C SER A 187 -5.85 -3.80 7.64
N GLN A 188 -6.12 -5.08 7.90
CA GLN A 188 -7.48 -5.61 7.70
C GLN A 188 -8.56 -4.90 8.56
N GLU A 189 -8.19 -4.52 9.77
CA GLU A 189 -9.15 -3.82 10.66
C GLU A 189 -9.55 -2.47 10.02
N ILE A 190 -8.58 -1.81 9.34
CA ILE A 190 -8.92 -0.53 8.69
C ILE A 190 -9.93 -0.84 7.62
N GLY A 191 -9.66 -1.92 6.90
CA GLY A 191 -10.57 -2.29 5.84
C GLY A 191 -11.98 -2.61 6.34
N LEU A 192 -12.05 -3.38 7.41
CA LEU A 192 -13.39 -3.77 7.95
C LEU A 192 -14.16 -2.52 8.45
N ALA A 193 -13.43 -1.57 9.05
CA ALA A 193 -14.04 -0.31 9.54
C ALA A 193 -14.64 0.50 8.41
N SER A 194 -14.08 0.38 7.22
CA SER A 194 -14.59 1.18 6.10
C SER A 194 -15.89 0.64 5.47
N LEU A 195 -16.20 -0.64 5.63
CA LEU A 195 -17.35 -1.18 4.93
C LEU A 195 -18.67 -0.55 5.30
N GLY A 196 -19.27 0.10 4.27
CA GLY A 196 -20.56 0.76 4.42
C GLY A 196 -20.47 1.99 5.30
N ALA A 197 -19.27 2.48 5.60
CA ALA A 197 -19.17 3.71 6.42
C ALA A 197 -19.53 4.91 5.51
N PRO A 198 -20.06 5.99 6.12
CA PRO A 198 -20.43 7.22 5.40
C PRO A 198 -19.12 7.86 4.82
N ASP A 199 -19.28 8.58 3.73
CA ASP A 199 -18.16 9.20 3.02
C ASP A 199 -17.31 10.02 3.96
N GLU A 200 -17.91 10.79 4.86
CA GLU A 200 -17.00 11.58 5.66
C GLU A 200 -16.16 10.71 6.59
N TYR A 201 -16.59 9.49 6.92
CA TYR A 201 -15.69 8.64 7.76
C TYR A 201 -14.64 7.91 6.94
N ILE A 202 -14.96 7.65 5.68
CA ILE A 202 -13.98 7.03 4.79
C ILE A 202 -12.79 7.99 4.74
N GLU A 203 -13.05 9.30 4.66
CA GLU A 203 -11.94 10.23 4.59
C GLU A 203 -11.12 10.22 5.86
N LYS A 204 -11.79 10.05 6.99
CA LYS A 204 -11.01 9.94 8.23
C LYS A 204 -10.17 8.63 8.20
N LEU A 205 -10.75 7.54 7.74
CA LEU A 205 -9.95 6.29 7.72
C LEU A 205 -8.80 6.39 6.67
N ALA A 206 -9.01 7.13 5.57
CA ALA A 206 -7.94 7.26 4.56
C ALA A 206 -6.79 8.07 5.22
N THR A 207 -7.13 9.07 6.02
CA THR A 207 -6.08 9.86 6.73
C THR A 207 -5.33 8.97 7.75
N ILE A 208 -6.07 8.11 8.45
CA ILE A 208 -5.41 7.19 9.40
C ILE A 208 -4.46 6.29 8.57
N TYR A 209 -4.97 5.80 7.46
CA TYR A 209 -4.13 4.96 6.58
C TYR A 209 -2.83 5.69 6.20
N TRP A 210 -2.98 6.96 5.78
CA TRP A 210 -1.82 7.76 5.36
C TRP A 210 -0.80 7.85 6.49
N PHE A 211 -1.27 8.12 7.72
CA PHE A 211 -0.31 8.27 8.83
C PHE A 211 0.19 6.97 9.46
N THR A 212 -0.25 5.81 8.96
CA THR A 212 0.22 4.51 9.52
C THR A 212 0.85 3.70 8.36
N VAL A 213 -0.01 3.10 7.55
CA VAL A 213 0.47 2.30 6.38
C VAL A 213 1.44 3.08 5.47
N GLU A 214 1.19 4.36 5.19
CA GLU A 214 2.12 5.07 4.29
C GLU A 214 3.22 5.83 4.96
N PHE A 215 2.94 6.49 6.12
CA PHE A 215 4.02 7.28 6.75
C PHE A 215 4.19 7.02 8.23
N GLY A 216 3.88 5.80 8.65
CA GLY A 216 3.98 5.51 10.09
C GLY A 216 5.40 5.20 10.58
N LEU A 217 5.65 5.54 11.85
CA LEU A 217 6.90 5.19 12.57
C LEU A 217 6.53 4.17 13.68
N CYS A 218 7.45 3.23 14.02
CA CYS A 218 7.18 2.23 15.07
C CYS A 218 8.06 2.52 16.31
N LYS A 219 7.53 2.20 17.50
CA LYS A 219 8.38 2.34 18.75
C LYS A 219 9.06 0.95 18.85
N GLN A 220 10.38 0.92 18.99
CA GLN A 220 11.03 -0.39 19.02
C GLN A 220 12.02 -0.24 20.17
N GLY A 221 11.51 -0.54 21.36
CA GLY A 221 12.30 -0.38 22.57
C GLY A 221 12.41 1.11 22.82
N ASP A 222 13.63 1.59 22.99
CA ASP A 222 13.80 3.02 23.23
C ASP A 222 14.08 3.73 21.90
N SER A 223 14.05 2.95 20.83
CA SER A 223 14.33 3.55 19.51
C SER A 223 13.03 3.71 18.70
N ILE A 224 13.16 4.42 17.58
CA ILE A 224 12.05 4.73 16.65
C ILE A 224 12.56 4.34 15.23
N LYS A 225 11.74 3.65 14.45
CA LYS A 225 12.12 3.27 13.08
C LYS A 225 10.90 3.47 12.16
N ALA A 226 11.08 3.21 10.85
CA ALA A 226 10.01 3.44 9.88
C ALA A 226 9.33 2.18 9.42
N TYR A 227 8.01 2.24 9.29
CA TYR A 227 7.34 1.10 8.71
C TYR A 227 6.43 1.62 7.53
N GLY A 228 6.26 2.93 7.37
CA GLY A 228 5.32 3.44 6.35
C GLY A 228 5.89 3.18 4.95
N ALA A 229 5.05 2.69 4.06
CA ALA A 229 5.49 2.37 2.69
C ALA A 229 6.05 3.56 1.94
N GLY A 230 5.49 4.75 2.20
CA GLY A 230 5.93 5.94 1.53
C GLY A 230 7.29 6.37 2.01
N LEU A 231 7.66 6.04 3.24
CA LEU A 231 8.99 6.40 3.74
C LEU A 231 9.98 5.36 3.23
N LEU A 232 9.60 4.07 3.31
CA LEU A 232 10.53 3.01 2.94
C LEU A 232 10.83 3.04 1.44
N SER A 233 10.05 3.84 0.68
CA SER A 233 10.37 3.86 -0.75
C SER A 233 10.84 5.24 -1.17
N SER A 234 11.18 6.05 -0.19
CA SER A 234 11.66 7.41 -0.49
C SER A 234 13.03 7.60 0.17
N PHE A 235 14.09 7.58 -0.65
CA PHE A 235 15.45 7.74 -0.07
C PHE A 235 15.62 8.96 0.81
N GLY A 236 15.14 10.07 0.35
CA GLY A 236 15.32 11.30 1.10
C GLY A 236 14.49 11.40 2.37
N GLU A 237 13.21 11.06 2.26
CA GLU A 237 12.36 11.17 3.43
C GLU A 237 12.66 10.09 4.46
N LEU A 238 13.12 8.91 4.05
CA LEU A 238 13.42 7.90 5.05
C LEU A 238 14.54 8.40 6.01
N GLN A 239 15.52 9.09 5.46
CA GLN A 239 16.63 9.60 6.31
C GLN A 239 16.14 10.76 7.15
N TYR A 240 15.33 11.60 6.54
CA TYR A 240 14.80 12.75 7.28
C TYR A 240 13.85 12.37 8.45
N CYS A 241 12.98 11.34 8.30
CA CYS A 241 12.01 11.03 9.35
C CYS A 241 12.63 10.56 10.67
N LEU A 242 13.88 10.11 10.64
CA LEU A 242 14.57 9.69 11.86
C LEU A 242 15.64 10.69 12.35
N SER A 243 15.55 11.91 11.86
CA SER A 243 16.45 12.98 12.28
C SER A 243 15.70 13.83 13.30
N GLU A 244 16.31 14.93 13.71
CA GLU A 244 15.74 15.80 14.75
C GLU A 244 14.73 16.74 14.17
N LYS A 245 14.61 16.79 12.84
CA LYS A 245 13.71 17.80 12.26
C LYS A 245 12.19 17.67 12.41
N PRO A 246 11.62 16.51 12.08
CA PRO A 246 10.14 16.46 12.21
C PRO A 246 9.61 16.37 13.64
N LYS A 247 8.31 16.67 13.81
CA LYS A 247 7.69 16.55 15.13
C LYS A 247 7.09 15.17 15.22
N LEU A 248 7.33 14.50 16.33
CA LEU A 248 6.76 13.14 16.54
C LEU A 248 5.64 13.08 17.58
N LEU A 249 4.48 12.48 17.23
CA LEU A 249 3.38 12.36 18.24
C LEU A 249 2.91 10.93 18.36
N PRO A 250 2.40 10.59 19.55
CA PRO A 250 1.92 9.23 19.70
C PRO A 250 0.64 9.11 18.86
N LEU A 251 0.51 7.95 18.27
CA LEU A 251 -0.66 7.67 17.48
C LEU A 251 -1.89 7.77 18.43
N GLU A 252 -2.81 8.65 18.09
CA GLU A 252 -4.06 8.89 18.85
C GLU A 252 -5.10 9.10 17.78
N LEU A 253 -5.98 8.11 17.54
CA LEU A 253 -6.80 8.19 16.31
C LEU A 253 -7.81 9.35 16.15
N GLU A 254 -8.41 9.76 17.26
CA GLU A 254 -9.38 10.86 17.22
C GLU A 254 -8.59 12.10 16.70
N LYS A 255 -7.30 12.16 17.01
CA LYS A 255 -6.42 13.22 16.60
C LYS A 255 -5.83 13.00 15.14
N THR A 256 -5.25 11.82 14.93
CA THR A 256 -4.68 11.50 13.63
C THR A 256 -5.76 11.62 12.52
N ALA A 257 -6.97 11.10 12.76
CA ALA A 257 -8.05 11.09 11.77
C ALA A 257 -8.37 12.45 11.12
N ILE A 258 -8.09 13.55 11.81
CA ILE A 258 -8.41 14.84 11.20
C ILE A 258 -7.17 15.68 10.90
N GLN A 259 -6.00 15.11 11.10
CA GLN A 259 -4.76 15.90 10.82
C GLN A 259 -4.57 16.13 9.32
N ASN A 260 -4.19 17.35 8.92
CA ASN A 260 -3.92 17.61 7.50
C ASN A 260 -2.51 17.14 7.11
N TYR A 261 -2.30 16.88 5.82
CA TYR A 261 -0.97 16.46 5.38
C TYR A 261 -0.83 16.94 3.94
N THR A 262 0.39 17.07 3.44
CA THR A 262 0.59 17.43 2.04
C THR A 262 1.23 16.22 1.36
N VAL A 263 1.03 16.04 0.06
CA VAL A 263 1.62 14.89 -0.61
C VAL A 263 2.84 15.30 -1.42
N THR A 264 3.14 16.59 -1.41
CA THR A 264 4.27 17.07 -2.17
C THR A 264 5.55 17.38 -1.40
N GLU A 265 5.53 17.54 -0.09
CA GLU A 265 6.82 17.84 0.58
C GLU A 265 7.03 16.73 1.61
N PHE A 266 8.18 16.72 2.31
CA PHE A 266 8.40 15.76 3.40
C PHE A 266 7.36 16.15 4.46
N GLN A 267 6.81 15.16 5.17
CA GLN A 267 5.86 15.40 6.24
C GLN A 267 6.51 16.16 7.44
N PRO A 268 5.86 17.23 7.93
CA PRO A 268 6.34 17.99 9.09
C PRO A 268 6.14 17.22 10.38
N LEU A 269 5.20 16.26 10.36
CA LEU A 269 4.95 15.47 11.53
C LEU A 269 4.53 14.01 11.23
N TYR A 270 4.90 13.12 12.14
CA TYR A 270 4.60 11.69 12.02
C TYR A 270 4.07 11.20 13.33
N TYR A 271 3.24 10.16 13.24
CA TYR A 271 2.70 9.47 14.44
C TYR A 271 3.43 8.17 14.65
N VAL A 272 3.75 7.89 15.90
CA VAL A 272 4.51 6.73 16.32
C VAL A 272 3.59 5.66 16.88
N ALA A 273 3.56 4.48 16.27
CA ALA A 273 2.71 3.38 16.76
C ALA A 273 3.50 2.59 17.82
N GLU A 274 2.83 2.16 18.90
CA GLU A 274 3.50 1.32 19.95
C GLU A 274 3.85 -0.03 19.42
N SER A 275 2.93 -0.60 18.64
CA SER A 275 3.13 -1.91 17.99
C SER A 275 1.93 -1.99 17.04
N PHE A 276 1.99 -2.94 16.11
CA PHE A 276 0.89 -3.10 15.19
C PHE A 276 -0.30 -3.71 15.97
N ASN A 277 -0.07 -4.53 17.03
CA ASN A 277 -1.21 -5.05 17.79
C ASN A 277 -1.93 -3.92 18.44
N ASP A 278 -1.18 -2.96 18.92
CA ASP A 278 -1.81 -1.86 19.60
C ASP A 278 -2.59 -0.97 18.61
N ALA A 279 -1.98 -0.69 17.48
CA ALA A 279 -2.67 0.14 16.48
C ALA A 279 -3.96 -0.58 16.06
N LYS A 280 -3.92 -1.90 15.97
CA LYS A 280 -5.09 -2.65 15.54
C LYS A 280 -6.21 -2.46 16.55
N GLU A 281 -5.87 -2.50 17.83
CA GLU A 281 -6.89 -2.31 18.90
C GLU A 281 -7.44 -0.91 18.84
N LYS A 282 -6.58 0.08 18.58
CA LYS A 282 -7.05 1.47 18.44
C LYS A 282 -8.00 1.63 17.25
N VAL A 283 -7.68 0.98 16.13
CA VAL A 283 -8.59 1.12 15.00
C VAL A 283 -9.95 0.48 15.35
N ARG A 284 -9.89 -0.71 15.95
CA ARG A 284 -11.11 -1.41 16.30
C ARG A 284 -12.00 -0.53 17.22
N ASN A 285 -11.37 0.20 18.13
CA ASN A 285 -12.15 1.06 18.98
C ASN A 285 -12.71 2.24 18.22
N PHE A 286 -11.89 2.81 17.34
CA PHE A 286 -12.35 3.94 16.56
C PHE A 286 -13.51 3.50 15.68
N ALA A 287 -13.46 2.27 15.16
CA ALA A 287 -14.53 1.78 14.27
C ALA A 287 -15.90 1.70 14.94
N ALA A 288 -15.88 1.45 16.24
CA ALA A 288 -17.13 1.38 17.01
C ALA A 288 -17.82 2.74 17.04
N THR A 289 -17.09 3.81 16.75
CA THR A 289 -17.71 5.14 16.77
C THR A 289 -18.27 5.52 15.44
N ILE A 290 -18.05 4.70 14.42
CA ILE A 290 -18.56 5.05 13.13
C ILE A 290 -20.04 4.69 13.03
N PRO A 291 -20.86 5.68 12.72
CA PRO A 291 -22.27 5.29 12.63
C PRO A 291 -22.58 4.32 11.46
N ARG A 292 -22.84 3.04 11.77
CA ARG A 292 -23.25 2.11 10.73
C ARG A 292 -24.33 1.36 11.46
N PRO A 293 -25.44 1.06 10.78
CA PRO A 293 -26.56 0.34 11.40
C PRO A 293 -26.29 -1.16 11.50
N PHE A 294 -25.03 -1.58 11.46
CA PHE A 294 -24.70 -3.01 11.54
C PHE A 294 -23.26 -3.24 11.97
N SER A 295 -22.92 -4.52 12.11
CA SER A 295 -21.56 -4.90 12.51
C SER A 295 -21.05 -5.79 11.39
N VAL A 296 -19.74 -5.90 11.18
CA VAL A 296 -19.25 -6.81 10.12
C VAL A 296 -18.15 -7.74 10.64
N ARG A 297 -18.07 -8.95 10.07
CA ARG A 297 -17.02 -9.92 10.43
C ARG A 297 -16.58 -10.60 9.13
N TYR A 298 -15.29 -10.84 8.98
CA TYR A 298 -14.82 -11.55 7.79
C TYR A 298 -14.77 -13.05 8.20
N ASP A 299 -15.16 -13.95 7.31
CA ASP A 299 -15.07 -15.40 7.64
C ASP A 299 -14.04 -15.90 6.63
N PRO A 300 -12.82 -16.12 7.09
CA PRO A 300 -11.77 -16.59 6.20
C PRO A 300 -12.02 -17.95 5.59
N TYR A 301 -12.87 -18.75 6.21
CA TYR A 301 -13.18 -20.09 5.64
C TYR A 301 -13.97 -19.95 4.36
N THR A 302 -14.88 -18.97 4.28
CA THR A 302 -15.67 -18.83 3.06
C THR A 302 -15.36 -17.57 2.23
N GLN A 303 -14.49 -16.72 2.78
CA GLN A 303 -14.09 -15.45 2.15
C GLN A 303 -15.31 -14.57 1.93
N ARG A 304 -16.11 -14.46 2.97
CA ARG A 304 -17.32 -13.67 2.88
C ARG A 304 -17.43 -12.82 4.11
N ILE A 305 -18.02 -11.65 3.91
CA ILE A 305 -18.24 -10.77 5.02
C ILE A 305 -19.63 -11.15 5.61
N GLU A 306 -19.75 -11.22 6.94
CA GLU A 306 -21.06 -11.53 7.60
C GLU A 306 -21.52 -10.19 8.20
N VAL A 307 -22.73 -9.76 7.87
CA VAL A 307 -23.29 -8.51 8.33
C VAL A 307 -24.25 -8.82 9.49
N LEU A 308 -23.91 -8.32 10.67
CA LEU A 308 -24.71 -8.54 11.87
C LEU A 308 -25.60 -7.31 12.05
FE FE B . 1.26 3.09 -1.14
OAC LNR C . 0.75 4.79 -2.05
CAJ LNR C . -0.64 4.98 -2.02
CAG LNR C . -1.32 6.03 -2.72
CAI LNR C . -1.42 4.02 -1.27
OAB LNR C . -0.81 3.00 -0.62
CAE LNR C . -2.84 4.12 -1.19
CAF LNR C . -3.52 5.15 -1.87
CAK LNR C . -2.78 6.14 -2.64
CAL LNR C . -3.59 7.23 -3.43
OAD LNR C . -2.72 8.13 -4.14
CAH LNR C . -4.56 8.03 -2.46
NAA LNR C . -5.48 7.10 -1.74
#